data_5BQ1
#
_entry.id   5BQ1
#
_cell.length_a   71.874
_cell.length_b   78.114
_cell.length_c   87.707
_cell.angle_alpha   90.000
_cell.angle_beta   90.000
_cell.angle_gamma   90.000
#
_symmetry.space_group_name_H-M   'I 2 2 2'
#
loop_
_entity.id
_entity.type
_entity.pdbx_description
1 polymer 'Carbonic anhydrase'
2 non-polymer 'ZINC ION'
3 non-polymer 'CARBON DIOXIDE'
4 water water
#
_entity_poly.entity_id   1
_entity_poly.type   'polypeptide(L)'
_entity_poly.pdbx_seq_one_letter_code
;ALQQLFENNVRWAEAIKQEDPDFFAKLARQQTPEYLWIGCSDARVPANEIVGMLPGDLFVHRNVANVVLHTDLNCLSVIQ
FAVDVLKVKHILVTGHYGCGGVRASLHNDQLGLIDGWLRSIRDLAYEYREHLEQLPTEEERVDRLCELNVIQQVANVSHT
SIVQNAWHRGQSLSVHGCIYGIKDGLWKNLNVTVSGLDQLPPQYRLSPL
;
_entity_poly.pdbx_strand_id   A
#
loop_
_chem_comp.id
_chem_comp.type
_chem_comp.name
_chem_comp.formula
CO2 non-polymer 'CARBON DIOXIDE' 'C O2'
ZN non-polymer 'ZINC ION' 'Zn 2'
#
# COMPACT_ATOMS: atom_id res chain seq x y z
N ALA A 1 15.35 -22.52 -9.94
CA ALA A 1 14.68 -23.76 -9.59
C ALA A 1 13.18 -23.67 -9.84
N LEU A 2 12.82 -23.37 -11.09
CA LEU A 2 11.42 -23.16 -11.46
C LEU A 2 10.54 -24.38 -11.23
N GLN A 3 11.08 -25.58 -11.46
CA GLN A 3 10.32 -26.81 -11.32
C GLN A 3 9.76 -26.96 -9.91
N GLN A 4 10.52 -26.53 -8.92
CA GLN A 4 10.11 -26.59 -7.53
C GLN A 4 8.82 -25.81 -7.30
N LEU A 5 8.71 -24.67 -7.94
CA LEU A 5 7.52 -23.83 -7.77
C LEU A 5 6.27 -24.53 -8.32
N PHE A 6 6.41 -25.21 -9.46
CA PHE A 6 5.28 -25.98 -9.99
C PHE A 6 4.92 -27.13 -9.05
N GLU A 7 5.92 -27.88 -8.58
CA GLU A 7 5.68 -28.98 -7.65
C GLU A 7 5.02 -28.47 -6.38
N ASN A 8 5.47 -27.31 -5.90
CA ASN A 8 4.88 -26.69 -4.72
C ASN A 8 3.42 -26.35 -4.95
N ASN A 9 3.13 -25.83 -6.14
CA ASN A 9 1.76 -25.45 -6.46
C ASN A 9 0.81 -26.62 -6.44
N VAL A 10 1.22 -27.72 -7.08
CA VAL A 10 0.41 -28.93 -7.11
C VAL A 10 0.12 -29.44 -5.70
N ARG A 11 1.14 -29.46 -4.86
CA ARG A 11 0.97 -29.91 -3.48
C ARG A 11 0.04 -28.98 -2.69
N TRP A 12 0.17 -27.68 -2.91
CA TRP A 12 -0.63 -26.68 -2.24
C TRP A 12 -2.11 -26.79 -2.58
N ALA A 13 -2.40 -26.88 -3.88
CA ALA A 13 -3.78 -26.93 -4.34
C ALA A 13 -4.45 -28.20 -3.85
N GLU A 14 -3.75 -29.32 -3.96
CA GLU A 14 -4.31 -30.62 -3.57
C GLU A 14 -4.59 -30.70 -2.07
N ALA A 15 -3.69 -30.17 -1.25
CA ALA A 15 -3.88 -30.17 0.19
C ALA A 15 -5.12 -29.37 0.59
N ILE A 16 -5.33 -28.22 -0.05
CA ILE A 16 -6.48 -27.39 0.23
C ILE A 16 -7.79 -28.09 -0.13
N LYS A 17 -7.80 -28.77 -1.27
CA LYS A 17 -8.99 -29.46 -1.74
C LYS A 17 -9.32 -30.63 -0.82
N GLN A 18 -8.31 -31.20 -0.19
CA GLN A 18 -8.51 -32.27 0.78
C GLN A 18 -9.27 -31.77 2.01
N GLU A 19 -8.97 -30.56 2.44
CA GLU A 19 -9.62 -29.98 3.60
C GLU A 19 -10.95 -29.31 3.23
N ASP A 20 -10.98 -28.68 2.05
CA ASP A 20 -12.19 -28.04 1.54
C ASP A 20 -12.25 -28.21 0.02
N PRO A 21 -12.92 -29.26 -0.44
CA PRO A 21 -13.00 -29.55 -1.88
C PRO A 21 -13.60 -28.42 -2.72
N ASP A 22 -14.31 -27.49 -2.10
CA ASP A 22 -14.96 -26.42 -2.85
C ASP A 22 -14.30 -25.06 -2.69
N PHE A 23 -13.12 -25.01 -2.05
CA PHE A 23 -12.51 -23.72 -1.76
C PHE A 23 -12.30 -22.85 -3.00
N PHE A 24 -11.67 -23.43 -4.03
CA PHE A 24 -11.39 -22.67 -5.23
C PHE A 24 -12.66 -22.45 -6.05
N ALA A 25 -13.51 -23.47 -6.12
CA ALA A 25 -14.73 -23.37 -6.92
C ALA A 25 -15.63 -22.23 -6.42
N LYS A 26 -15.82 -22.14 -5.09
CA LYS A 26 -16.63 -21.05 -4.56
C LYS A 26 -15.97 -19.69 -4.76
N LEU A 27 -14.69 -19.60 -4.47
CA LEU A 27 -13.95 -18.34 -4.63
C LEU A 27 -14.00 -17.82 -6.06
N ALA A 28 -13.93 -18.74 -7.02
CA ALA A 28 -13.90 -18.39 -8.43
C ALA A 28 -15.18 -17.73 -8.93
N ARG A 29 -16.27 -17.89 -8.18
CA ARG A 29 -17.55 -17.38 -8.63
C ARG A 29 -17.68 -15.87 -8.47
N GLN A 30 -16.96 -15.32 -7.50
CA GLN A 30 -17.05 -13.89 -7.25
C GLN A 30 -15.84 -13.39 -6.46
N GLN A 31 -15.41 -12.18 -6.79
CA GLN A 31 -14.35 -11.53 -6.04
C GLN A 31 -14.95 -10.54 -5.04
N THR A 32 -14.77 -10.79 -3.74
CA THR A 32 -15.38 -9.92 -2.72
C THR A 32 -14.47 -9.50 -1.57
N PRO A 33 -13.26 -9.01 -1.88
CA PRO A 33 -12.37 -8.60 -0.80
C PRO A 33 -12.87 -7.33 -0.14
N GLU A 34 -12.65 -7.20 1.17
CA GLU A 34 -13.02 -6.00 1.88
C GLU A 34 -11.89 -4.98 1.95
N TYR A 35 -10.70 -5.38 1.52
CA TYR A 35 -9.49 -4.56 1.64
C TYR A 35 -8.74 -4.44 0.33
N LEU A 36 -8.17 -3.25 0.09
CA LEU A 36 -7.07 -3.05 -0.86
C LEU A 36 -5.79 -2.77 -0.10
N TRP A 37 -4.76 -3.57 -0.37
CA TRP A 37 -3.40 -3.36 0.15
C TRP A 37 -2.55 -2.65 -0.89
N ILE A 38 -1.96 -1.52 -0.52
CA ILE A 38 -0.95 -0.84 -1.35
C ILE A 38 0.35 -0.91 -0.57
N GLY A 39 1.32 -1.63 -1.11
CA GLY A 39 2.56 -1.80 -0.36
C GLY A 39 3.75 -1.90 -1.27
N CYS A 40 4.91 -2.16 -0.67
CA CYS A 40 6.15 -2.25 -1.44
C CYS A 40 6.29 -3.61 -2.08
N SER A 41 6.93 -3.64 -3.24
CA SER A 41 7.29 -4.88 -3.92
C SER A 41 8.25 -5.78 -3.14
N ASP A 42 8.98 -5.20 -2.17
CA ASP A 42 9.95 -5.90 -1.32
C ASP A 42 9.47 -7.31 -0.97
N ALA A 43 10.28 -8.29 -1.29
CA ALA A 43 9.90 -9.69 -1.14
C ALA A 43 9.56 -10.04 0.30
N ARG A 44 10.07 -9.24 1.23
CA ARG A 44 9.89 -9.52 2.64
C ARG A 44 8.54 -9.01 3.18
N VAL A 45 7.73 -8.39 2.33
CA VAL A 45 6.48 -7.81 2.81
C VAL A 45 5.24 -8.32 2.05
N PRO A 46 4.99 -9.64 2.06
CA PRO A 46 3.79 -10.14 1.38
C PRO A 46 2.53 -9.88 2.20
N ALA A 47 1.48 -9.40 1.55
CA ALA A 47 0.31 -8.89 2.25
C ALA A 47 -0.44 -9.93 3.07
N ASN A 48 -0.85 -11.02 2.43
CA ASN A 48 -1.71 -11.99 3.12
C ASN A 48 -1.10 -12.55 4.39
N GLU A 49 0.18 -12.93 4.34
CA GLU A 49 0.83 -13.54 5.50
C GLU A 49 0.84 -12.60 6.68
N ILE A 50 1.20 -11.35 6.42
CA ILE A 50 1.42 -10.38 7.48
C ILE A 50 0.15 -10.11 8.30
N VAL A 51 -1.02 -10.15 7.66
CA VAL A 51 -2.26 -9.91 8.38
C VAL A 51 -3.17 -11.14 8.46
N GLY A 52 -2.57 -12.31 8.25
CA GLY A 52 -3.26 -13.58 8.48
C GLY A 52 -4.47 -13.81 7.60
N MET A 53 -4.39 -13.33 6.35
CA MET A 53 -5.52 -13.43 5.41
C MET A 53 -5.36 -14.57 4.43
N LEU A 54 -6.47 -14.86 3.74
CA LEU A 54 -6.56 -15.98 2.81
C LEU A 54 -6.74 -15.49 1.40
N PRO A 55 -6.47 -16.36 0.41
CA PRO A 55 -6.83 -16.02 -0.97
C PRO A 55 -8.28 -15.55 -1.05
N GLY A 56 -8.50 -14.42 -1.73
CA GLY A 56 -9.81 -13.80 -1.83
C GLY A 56 -10.04 -12.61 -0.93
N ASP A 57 -9.19 -12.41 0.09
CA ASP A 57 -9.44 -11.41 1.13
C ASP A 57 -8.87 -10.02 0.84
N LEU A 58 -7.73 -9.98 0.15
CA LEU A 58 -7.00 -8.72 -0.09
C LEU A 58 -6.72 -8.49 -1.57
N PHE A 59 -7.33 -7.44 -2.12
CA PHE A 59 -6.95 -6.90 -3.43
C PHE A 59 -5.59 -6.23 -3.22
N VAL A 60 -4.61 -6.45 -4.11
CA VAL A 60 -3.24 -6.01 -3.83
C VAL A 60 -2.58 -5.22 -4.96
N HIS A 61 -1.96 -4.09 -4.61
CA HIS A 61 -1.00 -3.44 -5.50
C HIS A 61 0.30 -3.33 -4.76
N ARG A 62 1.39 -3.71 -5.41
CA ARG A 62 2.72 -3.50 -4.84
C ARG A 62 3.62 -2.88 -5.87
N ASN A 63 4.39 -1.87 -5.45
CA ASN A 63 5.30 -1.17 -6.35
C ASN A 63 6.53 -0.75 -5.55
N VAL A 64 7.53 -0.15 -6.21
CA VAL A 64 8.75 0.21 -5.49
C VAL A 64 8.46 1.35 -4.51
N ALA A 65 8.61 1.06 -3.22
CA ALA A 65 8.42 2.00 -2.11
C ALA A 65 6.98 2.48 -1.90
N ASN A 66 5.99 1.73 -2.41
CA ASN A 66 4.58 1.93 -2.09
C ASN A 66 4.15 3.39 -2.23
N VAL A 67 4.45 3.99 -3.38
CA VAL A 67 4.03 5.36 -3.64
C VAL A 67 2.77 5.40 -4.48
N VAL A 68 1.98 6.45 -4.28
CA VAL A 68 0.74 6.65 -4.99
C VAL A 68 0.85 8.00 -5.68
N LEU A 69 1.28 7.97 -6.93
CA LEU A 69 1.63 9.21 -7.64
C LEU A 69 0.46 9.74 -8.45
N HIS A 70 0.38 11.07 -8.59
CA HIS A 70 -0.84 11.70 -9.10
C HIS A 70 -1.22 11.29 -10.51
N THR A 71 -0.22 11.04 -11.34
CA THR A 71 -0.52 10.66 -12.72
C THR A 71 -0.11 9.23 -13.05
N ASP A 72 0.03 8.40 -12.02
CA ASP A 72 0.31 6.99 -12.25
C ASP A 72 -0.98 6.21 -12.45
N LEU A 73 -1.32 5.93 -13.71
CA LEU A 73 -2.56 5.23 -13.98
C LEU A 73 -2.53 3.76 -13.53
N ASN A 74 -1.35 3.21 -13.30
CA ASN A 74 -1.25 1.83 -12.78
C ASN A 74 -1.92 1.73 -11.40
N CYS A 75 -1.38 2.44 -10.43
CA CYS A 75 -1.96 2.43 -9.09
C CYS A 75 -3.37 3.04 -9.09
N LEU A 76 -3.58 4.09 -9.88
CA LEU A 76 -4.89 4.74 -9.90
C LEU A 76 -5.97 3.78 -10.40
N SER A 77 -5.64 2.94 -11.38
CA SER A 77 -6.58 1.95 -11.88
C SER A 77 -6.91 0.89 -10.84
N VAL A 78 -5.91 0.48 -10.05
CA VAL A 78 -6.17 -0.45 -8.94
C VAL A 78 -7.13 0.18 -7.95
N ILE A 79 -6.88 1.43 -7.59
CA ILE A 79 -7.74 2.13 -6.63
C ILE A 79 -9.17 2.27 -7.19
N GLN A 80 -9.29 2.62 -8.47
CA GLN A 80 -10.61 2.80 -9.05
C GLN A 80 -11.38 1.49 -9.10
N PHE A 81 -10.73 0.41 -9.52
CA PHE A 81 -11.37 -0.90 -9.55
C PHE A 81 -11.82 -1.32 -8.14
N ALA A 82 -10.92 -1.14 -7.18
CA ALA A 82 -11.17 -1.51 -5.81
C ALA A 82 -12.34 -0.74 -5.20
N VAL A 83 -12.35 0.57 -5.43
CA VAL A 83 -13.38 1.42 -4.82
C VAL A 83 -14.71 1.34 -5.57
N ASP A 84 -14.68 1.44 -6.91
CA ASP A 84 -15.91 1.52 -7.71
C ASP A 84 -16.54 0.17 -8.05
N VAL A 85 -15.69 -0.82 -8.35
CA VAL A 85 -16.20 -2.13 -8.76
C VAL A 85 -16.33 -3.11 -7.57
N LEU A 86 -15.24 -3.30 -6.83
CA LEU A 86 -15.25 -4.23 -5.72
C LEU A 86 -15.87 -3.65 -4.45
N LYS A 87 -15.85 -2.32 -4.36
CA LYS A 87 -16.34 -1.59 -3.20
C LYS A 87 -15.69 -2.07 -1.90
N VAL A 88 -14.36 -2.15 -1.92
CA VAL A 88 -13.61 -2.43 -0.71
C VAL A 88 -13.96 -1.38 0.34
N LYS A 89 -13.89 -1.76 1.60
CA LYS A 89 -14.24 -0.85 2.68
C LYS A 89 -13.02 -0.17 3.27
N HIS A 90 -11.84 -0.70 2.95
CA HIS A 90 -10.60 -0.20 3.54
C HIS A 90 -9.49 -0.22 2.52
N ILE A 91 -8.72 0.85 2.48
CA ILE A 91 -7.47 0.88 1.72
C ILE A 91 -6.33 0.92 2.74
N LEU A 92 -5.48 -0.10 2.69
CA LEU A 92 -4.35 -0.20 3.62
C LEU A 92 -3.08 0.21 2.91
N VAL A 93 -2.61 1.44 3.15
CA VAL A 93 -1.30 1.84 2.63
C VAL A 93 -0.26 1.38 3.62
N THR A 94 0.54 0.39 3.23
CA THR A 94 1.51 -0.19 4.15
C THR A 94 2.91 0.04 3.61
N GLY A 95 3.69 0.85 4.31
CA GLY A 95 5.11 0.96 4.02
C GLY A 95 5.86 0.02 4.96
N HIS A 96 7.18 0.05 4.91
CA HIS A 96 7.94 -0.79 5.82
C HIS A 96 9.28 -0.15 6.16
N TYR A 97 9.75 -0.42 7.36
CA TYR A 97 11.05 0.08 7.76
C TYR A 97 12.13 -0.61 6.92
N GLY A 98 13.25 0.07 6.74
CA GLY A 98 14.36 -0.49 6.00
C GLY A 98 14.10 -0.60 4.51
N CYS A 99 13.15 0.17 4.01
CA CYS A 99 12.80 0.13 2.60
C CYS A 99 13.92 0.69 1.74
N GLY A 100 14.34 -0.10 0.75
CA GLY A 100 15.47 0.28 -0.10
C GLY A 100 15.17 1.47 -1.00
N GLY A 101 13.92 1.57 -1.45
CA GLY A 101 13.53 2.68 -2.29
C GLY A 101 13.60 3.99 -1.51
N VAL A 102 13.12 3.93 -0.27
CA VAL A 102 13.18 5.09 0.62
C VAL A 102 14.64 5.43 0.92
N ARG A 103 15.44 4.41 1.24
CA ARG A 103 16.85 4.62 1.54
C ARG A 103 17.58 5.31 0.38
N ALA A 104 17.33 4.83 -0.84
CA ALA A 104 17.96 5.40 -2.04
C ALA A 104 17.66 6.90 -2.20
N SER A 105 16.50 7.31 -1.72
CA SER A 105 16.08 8.71 -1.84
C SER A 105 16.84 9.64 -0.89
N LEU A 106 17.58 9.05 0.05
CA LEU A 106 18.41 9.80 0.98
C LEU A 106 19.87 9.82 0.55
N HIS A 107 20.16 9.10 -0.53
CA HIS A 107 21.53 9.01 -1.03
C HIS A 107 21.60 9.58 -2.43
N ASN A 108 22.81 9.69 -2.96
CA ASN A 108 22.98 10.46 -4.19
C ASN A 108 23.46 9.61 -5.35
N ASP A 109 23.25 8.31 -5.26
CA ASP A 109 23.59 7.40 -6.35
C ASP A 109 22.52 7.42 -7.43
N GLN A 110 22.94 7.33 -8.68
CA GLN A 110 21.98 7.14 -9.75
C GLN A 110 21.59 5.68 -9.86
N LEU A 111 20.29 5.40 -9.88
CA LEU A 111 19.88 4.02 -9.99
C LEU A 111 19.39 3.69 -11.39
N GLY A 112 19.04 4.73 -12.15
CA GLY A 112 18.49 4.55 -13.48
C GLY A 112 17.08 5.10 -13.59
N LEU A 113 16.22 4.36 -14.28
CA LEU A 113 14.83 4.79 -14.48
C LEU A 113 14.11 5.10 -13.16
N ILE A 114 14.50 4.39 -12.12
CA ILE A 114 13.89 4.52 -10.80
C ILE A 114 14.14 5.90 -10.18
N ASP A 115 15.13 6.63 -10.67
CA ASP A 115 15.40 7.99 -10.22
C ASP A 115 14.11 8.84 -10.23
N GLY A 116 13.37 8.80 -11.33
CA GLY A 116 12.13 9.55 -11.42
C GLY A 116 11.04 9.00 -10.52
N TRP A 117 10.92 7.67 -10.48
CA TRP A 117 9.93 7.00 -9.66
C TRP A 117 10.01 7.39 -8.18
N LEU A 118 11.25 7.49 -7.70
CA LEU A 118 11.48 7.80 -6.30
C LEU A 118 11.67 9.29 -6.00
N ARG A 119 11.62 10.17 -7.00
CA ARG A 119 11.99 11.55 -6.69
C ARG A 119 10.99 12.25 -5.77
N SER A 120 9.74 11.80 -5.74
CA SER A 120 8.80 12.40 -4.79
C SER A 120 9.23 12.10 -3.33
N ILE A 121 9.84 10.95 -3.08
CA ILE A 121 10.34 10.65 -1.74
C ILE A 121 11.51 11.57 -1.41
N ARG A 122 12.38 11.78 -2.40
CA ARG A 122 13.47 12.76 -2.27
C ARG A 122 12.92 14.15 -1.95
N ASP A 123 11.85 14.54 -2.66
CA ASP A 123 11.22 15.83 -2.38
C ASP A 123 10.72 15.87 -0.94
N LEU A 124 10.16 14.75 -0.47
CA LEU A 124 9.59 14.68 0.87
C LEU A 124 10.71 14.80 1.89
N ALA A 125 11.82 14.13 1.62
CA ALA A 125 12.99 14.20 2.49
C ALA A 125 13.53 15.63 2.52
N TYR A 126 13.47 16.31 1.38
CA TYR A 126 13.93 17.70 1.32
C TYR A 126 13.00 18.59 2.13
N GLU A 127 11.70 18.39 1.95
CA GLU A 127 10.70 19.13 2.70
C GLU A 127 10.92 18.98 4.21
N TYR A 128 11.29 17.78 4.64
CA TYR A 128 11.49 17.51 6.07
C TYR A 128 12.96 17.45 6.46
N ARG A 129 13.82 18.18 5.75
CA ARG A 129 15.26 18.02 5.93
C ARG A 129 15.73 18.41 7.34
N GLU A 130 15.12 19.45 7.91
CA GLU A 130 15.48 19.89 9.25
C GLU A 130 15.10 18.85 10.30
N HIS A 131 13.90 18.30 10.15
CA HIS A 131 13.40 17.23 11.02
C HIS A 131 14.31 16.00 10.95
N LEU A 132 14.61 15.55 9.74
CA LEU A 132 15.46 14.38 9.55
C LEU A 132 16.88 14.61 10.07
N GLU A 133 17.36 15.83 9.91
CA GLU A 133 18.72 16.20 10.31
C GLU A 133 18.93 16.04 11.81
N GLN A 134 17.86 16.13 12.59
CA GLN A 134 17.94 15.96 14.04
C GLN A 134 18.29 14.53 14.42
N LEU A 135 17.99 13.59 13.52
CA LEU A 135 18.22 12.18 13.79
C LEU A 135 19.67 11.80 13.53
N PRO A 136 20.30 11.17 14.53
CA PRO A 136 21.74 10.92 14.55
C PRO A 136 22.23 9.87 13.56
N THR A 137 21.43 8.87 13.23
CA THR A 137 21.90 7.81 12.35
C THR A 137 21.12 7.76 11.05
N GLU A 138 21.77 7.22 10.00
CA GLU A 138 21.14 7.06 8.71
C GLU A 138 19.93 6.12 8.79
N GLU A 139 20.01 5.10 9.63
CA GLU A 139 18.92 4.13 9.77
C GLU A 139 17.69 4.78 10.39
N GLU A 140 17.92 5.67 11.34
CA GLU A 140 16.84 6.46 11.94
C GLU A 140 16.19 7.38 10.90
N ARG A 141 17.03 8.00 10.06
CA ARG A 141 16.53 8.88 9.02
C ARG A 141 15.71 8.10 8.01
N VAL A 142 16.23 6.97 7.57
CA VAL A 142 15.50 6.11 6.63
C VAL A 142 14.15 5.69 7.22
N ASP A 143 14.16 5.19 8.44
CA ASP A 143 12.93 4.67 9.05
C ASP A 143 11.89 5.76 9.28
N ARG A 144 12.32 6.97 9.64
CA ARG A 144 11.39 8.08 9.78
C ARG A 144 10.83 8.48 8.42
N LEU A 145 11.69 8.52 7.41
CA LEU A 145 11.20 8.84 6.06
C LEU A 145 10.25 7.76 5.54
N CYS A 146 10.46 6.51 5.94
CA CYS A 146 9.51 5.44 5.60
C CYS A 146 8.11 5.75 6.14
N GLU A 147 8.06 6.27 7.36
CA GLU A 147 6.80 6.68 7.97
C GLU A 147 6.19 7.89 7.27
N LEU A 148 7.00 8.93 7.05
CA LEU A 148 6.54 10.13 6.38
C LEU A 148 5.99 9.78 5.00
N ASN A 149 6.65 8.85 4.32
CA ASN A 149 6.20 8.44 3.00
C ASN A 149 4.81 7.81 3.05
N VAL A 150 4.58 6.91 4.01
CA VAL A 150 3.24 6.32 4.14
C VAL A 150 2.18 7.39 4.39
N ILE A 151 2.49 8.32 5.28
CA ILE A 151 1.56 9.39 5.63
C ILE A 151 1.19 10.26 4.41
N GLN A 152 2.18 10.56 3.58
CA GLN A 152 1.94 11.31 2.34
C GLN A 152 1.04 10.52 1.38
N GLN A 153 1.25 9.20 1.29
CA GLN A 153 0.47 8.43 0.33
C GLN A 153 -0.99 8.29 0.77
N VAL A 154 -1.21 8.18 2.07
CA VAL A 154 -2.57 8.17 2.62
C VAL A 154 -3.28 9.46 2.22
N ALA A 155 -2.62 10.59 2.40
CA ALA A 155 -3.18 11.87 1.99
C ALA A 155 -3.49 11.86 0.49
N ASN A 156 -2.54 11.37 -0.29
CA ASN A 156 -2.73 11.33 -1.74
C ASN A 156 -3.96 10.54 -2.14
N VAL A 157 -4.11 9.35 -1.56
CA VAL A 157 -5.27 8.50 -1.86
C VAL A 157 -6.56 9.24 -1.51
N SER A 158 -6.56 9.89 -0.35
CA SER A 158 -7.76 10.57 0.13
C SER A 158 -8.13 11.78 -0.71
N HIS A 159 -7.16 12.30 -1.48
CA HIS A 159 -7.41 13.47 -2.32
C HIS A 159 -7.95 13.11 -3.67
N THR A 160 -7.93 11.82 -4.03
CA THR A 160 -8.45 11.44 -5.33
C THR A 160 -9.97 11.64 -5.44
N SER A 161 -10.42 11.95 -6.64
CA SER A 161 -11.84 12.03 -6.89
C SER A 161 -12.50 10.65 -6.73
N ILE A 162 -11.75 9.59 -6.99
CA ILE A 162 -12.27 8.23 -6.80
C ILE A 162 -12.77 8.03 -5.37
N VAL A 163 -11.92 8.37 -4.41
CA VAL A 163 -12.27 8.20 -3.01
C VAL A 163 -13.35 9.19 -2.61
N GLN A 164 -13.19 10.45 -3.00
CA GLN A 164 -14.13 11.47 -2.55
C GLN A 164 -15.54 11.26 -3.11
N ASN A 165 -15.62 10.83 -4.36
CA ASN A 165 -16.91 10.53 -4.96
C ASN A 165 -17.57 9.31 -4.35
N ALA A 166 -16.77 8.34 -3.92
CA ALA A 166 -17.32 7.22 -3.16
C ALA A 166 -17.98 7.74 -1.89
N TRP A 167 -17.31 8.66 -1.20
CA TRP A 167 -17.88 9.24 0.01
C TRP A 167 -19.15 10.01 -0.31
N HIS A 168 -19.10 10.82 -1.38
CA HIS A 168 -20.25 11.63 -1.80
C HIS A 168 -21.51 10.79 -1.96
N ARG A 169 -21.35 9.56 -2.42
CA ARG A 169 -22.50 8.70 -2.69
C ARG A 169 -22.79 7.75 -1.53
N GLY A 170 -22.19 8.02 -0.38
CA GLY A 170 -22.53 7.30 0.84
C GLY A 170 -21.85 5.97 1.03
N GLN A 171 -20.79 5.73 0.26
CA GLN A 171 -20.03 4.51 0.40
C GLN A 171 -19.12 4.64 1.63
N SER A 172 -19.11 3.61 2.49
CA SER A 172 -18.17 3.56 3.60
C SER A 172 -16.79 3.17 3.09
N LEU A 173 -15.81 4.02 3.36
CA LEU A 173 -14.45 3.80 2.85
C LEU A 173 -13.44 4.49 3.72
N SER A 174 -12.50 3.73 4.29
CA SER A 174 -11.43 4.30 5.12
C SER A 174 -10.08 4.06 4.48
N VAL A 175 -9.21 5.05 4.57
CA VAL A 175 -7.83 4.95 4.10
C VAL A 175 -6.93 4.94 5.31
N HIS A 176 -6.12 3.90 5.45
CA HIS A 176 -5.24 3.75 6.61
C HIS A 176 -3.78 3.79 6.24
N GLY A 177 -2.94 4.21 7.18
CA GLY A 177 -1.49 4.17 7.02
C GLY A 177 -0.89 3.27 8.06
N CYS A 178 -0.13 2.27 7.60
CA CYS A 178 0.54 1.35 8.51
C CYS A 178 1.98 1.19 8.11
N ILE A 179 2.79 0.70 9.03
CA ILE A 179 4.18 0.46 8.73
C ILE A 179 4.63 -0.89 9.30
N TYR A 180 5.27 -1.66 8.43
CA TYR A 180 5.67 -3.02 8.76
C TYR A 180 7.14 -3.06 9.14
N GLY A 181 7.46 -3.79 10.20
CA GLY A 181 8.84 -4.01 10.60
C GLY A 181 9.42 -5.26 9.97
N ILE A 182 10.35 -5.11 9.04
CA ILE A 182 10.97 -6.32 8.51
C ILE A 182 11.85 -7.01 9.57
N LYS A 183 12.31 -6.25 10.58
CA LYS A 183 13.09 -6.83 11.67
C LYS A 183 12.29 -7.64 12.70
N ASP A 184 10.98 -7.39 12.80
CA ASP A 184 10.22 -7.98 13.91
C ASP A 184 8.86 -8.54 13.51
N GLY A 185 8.51 -8.39 12.24
CA GLY A 185 7.28 -8.97 11.73
C GLY A 185 6.02 -8.24 12.15
N LEU A 186 6.16 -7.06 12.73
CA LEU A 186 5.02 -6.35 13.28
C LEU A 186 4.47 -5.27 12.34
N TRP A 187 3.15 -5.31 12.18
CA TRP A 187 2.40 -4.38 11.35
C TRP A 187 1.74 -3.34 12.24
N LYS A 188 2.20 -2.10 12.15
CA LYS A 188 1.85 -1.06 13.12
C LYS A 188 1.06 0.09 12.50
N ASN A 189 0.02 0.53 13.18
CA ASN A 189 -0.80 1.65 12.74
C ASN A 189 -0.10 2.99 12.95
N LEU A 190 -0.06 3.83 11.91
CA LEU A 190 0.49 5.19 12.03
C LEU A 190 -0.59 6.18 12.45
N ASN A 191 -1.82 5.68 12.58
CA ASN A 191 -2.97 6.45 13.06
C ASN A 191 -3.17 7.73 12.28
N VAL A 192 -3.34 7.57 10.98
CA VAL A 192 -3.63 8.69 10.09
C VAL A 192 -4.86 8.36 9.23
N THR A 193 -5.79 7.60 9.81
CA THR A 193 -6.93 7.11 9.05
C THR A 193 -7.87 8.26 8.66
N VAL A 194 -8.28 8.23 7.38
CA VAL A 194 -9.22 9.21 6.82
C VAL A 194 -10.46 8.46 6.36
N SER A 195 -11.64 8.88 6.81
CA SER A 195 -12.88 8.18 6.49
C SER A 195 -13.95 9.08 5.88
N GLY A 196 -13.68 10.37 5.75
CA GLY A 196 -14.68 11.26 5.18
C GLY A 196 -14.18 12.63 4.81
N LEU A 197 -15.01 13.36 4.07
CA LEU A 197 -14.64 14.64 3.49
C LEU A 197 -14.26 15.67 4.54
N ASP A 198 -14.91 15.60 5.69
CA ASP A 198 -14.68 16.57 6.75
C ASP A 198 -13.26 16.55 7.29
N GLN A 199 -12.50 15.49 6.99
CA GLN A 199 -11.13 15.35 7.48
C GLN A 199 -10.10 15.93 6.51
N LEU A 200 -10.55 16.36 5.34
CA LEU A 200 -9.65 16.94 4.34
C LEU A 200 -9.57 18.46 4.49
N PRO A 201 -8.37 19.02 4.24
CA PRO A 201 -8.24 20.47 4.11
C PRO A 201 -9.16 20.97 3.01
N PRO A 202 -9.70 22.20 3.15
CA PRO A 202 -10.62 22.77 2.15
C PRO A 202 -10.02 22.77 0.75
N GLN A 203 -8.71 22.94 0.65
CA GLN A 203 -8.02 22.99 -0.64
C GLN A 203 -8.13 21.69 -1.43
N TYR A 204 -8.42 20.59 -0.75
CA TYR A 204 -8.46 19.32 -1.43
C TYR A 204 -9.86 18.77 -1.61
N ARG A 205 -10.84 19.43 -1.00
CA ARG A 205 -12.22 18.95 -1.08
C ARG A 205 -12.81 19.26 -2.43
N LEU A 206 -13.25 18.22 -3.12
CA LEU A 206 -13.86 18.41 -4.41
C LEU A 206 -15.36 18.51 -4.22
N SER A 207 -15.97 19.44 -4.94
CA SER A 207 -17.41 19.55 -4.95
C SER A 207 -18.00 18.32 -5.60
N PRO A 208 -19.19 17.89 -5.15
CA PRO A 208 -19.82 16.69 -5.71
C PRO A 208 -20.16 16.85 -7.18
N LEU A 209 -20.10 15.77 -7.95
CA LEU A 209 -20.54 15.80 -9.34
C LEU A 209 -22.05 16.05 -9.41
ZN ZN B . 10.43 -1.30 0.23
C CO2 C . 12.40 -1.90 -2.77
O1 CO2 C . 12.09 -0.73 -2.92
O2 CO2 C . 12.69 -3.07 -2.56
C CO2 D . 1.24 -10.23 -2.93
O1 CO2 D . 0.83 -9.49 -2.06
O2 CO2 D . 1.64 -11.03 -3.75
#